data_2YYF
#
_entry.id   2YYF
#
_cell.length_a   1.000
_cell.length_b   1.000
_cell.length_c   1.000
_cell.angle_alpha   90.00
_cell.angle_beta   90.00
_cell.angle_gamma   90.00
#
_symmetry.space_group_name_H-M   'P 1'
#
_entity_poly.entity_id   1
_entity_poly.type   'polypeptide(L)'
_entity_poly.pdbx_seq_one_letter_code
;DWEYHAHPK(HYP)NS(DPN)WT
;
_entity_poly.pdbx_strand_id   A
#
# COMPACT_ATOMS: atom_id res chain seq x y z
N ASP A 1 -7.97 8.32 8.58
CA ASP A 1 -6.63 7.75 8.33
C ASP A 1 -6.73 6.70 7.23
N TRP A 2 -6.79 7.15 5.96
CA TRP A 2 -6.75 6.28 4.80
C TRP A 2 -5.46 6.57 4.06
N GLU A 3 -4.60 5.56 3.97
CA GLU A 3 -3.40 5.56 3.18
C GLU A 3 -3.67 4.68 1.96
N TYR A 4 -3.33 5.16 0.76
CA TYR A 4 -3.42 4.40 -0.47
C TYR A 4 -2.50 3.17 -0.41
N HIS A 5 -2.82 2.13 -1.17
CA HIS A 5 -2.07 0.87 -1.25
C HIS A 5 -1.63 0.64 -2.70
N ALA A 6 -0.48 0.00 -2.89
CA ALA A 6 0.04 -0.36 -4.20
C ALA A 6 -0.83 -1.46 -4.82
N HIS A 7 -0.82 -1.52 -6.15
CA HIS A 7 -1.46 -2.58 -6.92
C HIS A 7 -0.58 -3.85 -6.97
N PRO A 8 0.68 -3.82 -7.48
CA PRO A 8 1.47 -5.04 -7.71
C PRO A 8 2.14 -5.59 -6.44
N LYS A 9 2.36 -4.74 -5.42
CA LYS A 9 2.88 -5.13 -4.11
C LYS A 9 1.79 -4.90 -3.05
N ASN A 11 0.52 -3.58 0.93
CA ASN A 11 0.54 -2.32 1.68
C ASN A 11 1.92 -2.07 2.28
N SER A 12 2.19 -2.69 3.42
CA SER A 12 3.45 -2.59 4.15
C SER A 12 4.63 -3.06 3.29
N TRP A 14 5.80 -1.95 0.70
CA TRP A 14 6.66 -0.84 0.28
C TRP A 14 7.98 -0.77 1.06
N THR A 15 8.04 -1.30 2.29
CA THR A 15 9.20 -1.17 3.16
C THR A 15 10.40 -1.94 2.57
N ASP A 1 -5.86 5.16 9.14
CA ASP A 1 -5.03 5.44 7.95
C ASP A 1 -5.67 4.79 6.73
N TRP A 2 -6.04 5.59 5.72
CA TRP A 2 -6.74 5.13 4.51
C TRP A 2 -5.92 5.42 3.24
N GLU A 3 -4.60 5.48 3.38
CA GLU A 3 -3.66 5.78 2.31
C GLU A 3 -3.80 4.73 1.20
N TYR A 4 -3.60 5.15 -0.06
CA TYR A 4 -3.71 4.30 -1.24
C TYR A 4 -2.80 3.08 -1.13
N HIS A 5 -3.30 1.95 -1.62
CA HIS A 5 -2.60 0.67 -1.71
C HIS A 5 -2.22 0.40 -3.16
N ALA A 6 -1.03 -0.14 -3.39
CA ALA A 6 -0.60 -0.57 -4.72
C ALA A 6 -1.30 -1.89 -5.06
N HIS A 7 -1.39 -2.17 -6.37
CA HIS A 7 -1.88 -3.44 -6.88
C HIS A 7 -0.81 -4.55 -6.82
N PRO A 8 0.38 -4.41 -7.47
CA PRO A 8 1.35 -5.50 -7.54
C PRO A 8 2.14 -5.70 -6.23
N LYS A 9 2.32 -4.64 -5.43
CA LYS A 9 3.08 -4.68 -4.19
C LYS A 9 2.10 -4.62 -3.01
N ASN A 11 0.85 -4.04 1.09
CA ASN A 11 0.83 -2.88 2.00
C ASN A 11 2.19 -2.69 2.68
N SER A 12 2.46 -3.51 3.69
CA SER A 12 3.71 -3.47 4.44
C SER A 12 4.91 -3.76 3.52
N TRP A 14 6.00 -2.23 1.08
CA TRP A 14 6.77 -1.02 0.82
C TRP A 14 7.98 -0.84 1.74
N THR A 15 8.04 -1.51 2.90
CA THR A 15 9.11 -1.29 3.87
C THR A 15 10.43 -1.92 3.42
N ASP A 1 -7.53 3.80 7.82
CA ASP A 1 -7.00 5.09 7.32
C ASP A 1 -7.17 5.19 5.82
N TRP A 2 -7.19 6.40 5.24
CA TRP A 2 -7.47 6.64 3.81
C TRP A 2 -6.26 6.39 2.90
N GLU A 3 -5.23 5.73 3.41
CA GLU A 3 -3.99 5.43 2.73
C GLU A 3 -4.27 4.43 1.59
N TYR A 4 -3.75 4.72 0.41
CA TYR A 4 -3.89 3.88 -0.78
C TYR A 4 -3.10 2.58 -0.63
N HIS A 5 -3.57 1.51 -1.28
CA HIS A 5 -2.89 0.23 -1.38
C HIS A 5 -2.49 0.01 -2.85
N ALA A 6 -1.29 -0.53 -3.08
CA ALA A 6 -0.83 -0.87 -4.42
C ALA A 6 -1.41 -2.23 -4.81
N HIS A 7 -1.53 -2.45 -6.12
CA HIS A 7 -1.96 -3.72 -6.69
C HIS A 7 -0.81 -4.75 -6.71
N PRO A 8 0.34 -4.52 -7.38
CA PRO A 8 1.37 -5.55 -7.53
C PRO A 8 2.20 -5.76 -6.25
N LYS A 9 2.46 -4.69 -5.48
CA LYS A 9 3.23 -4.74 -4.24
C LYS A 9 2.25 -4.82 -3.05
N ASN A 11 0.99 -4.53 1.09
CA ASN A 11 0.92 -3.46 2.07
C ASN A 11 2.28 -3.21 2.73
N SER A 12 2.64 -4.10 3.65
CA SER A 12 3.90 -4.03 4.38
C SER A 12 5.11 -4.13 3.43
N TRP A 14 5.97 -2.32 1.09
CA TRP A 14 6.61 -1.02 0.90
C TRP A 14 7.85 -0.79 1.77
N THR A 15 8.04 -1.50 2.89
CA THR A 15 9.13 -1.23 3.82
C THR A 15 9.38 -2.46 4.70
N ASP A 1 -7.15 7.13 8.97
CA ASP A 1 -6.33 7.72 7.88
C ASP A 1 -6.51 6.91 6.59
N TRP A 2 -6.64 7.60 5.45
CA TRP A 2 -6.87 6.98 4.15
C TRP A 2 -5.52 6.71 3.47
N GLU A 3 -4.81 5.68 3.93
CA GLU A 3 -3.60 5.21 3.29
C GLU A 3 -4.00 4.41 2.05
N TYR A 4 -3.57 4.84 0.87
CA TYR A 4 -3.73 4.10 -0.37
C TYR A 4 -2.82 2.87 -0.36
N HIS A 5 -3.28 1.78 -0.98
CA HIS A 5 -2.55 0.53 -1.15
C HIS A 5 -2.26 0.34 -2.64
N ALA A 6 -1.06 -0.17 -2.96
CA ALA A 6 -0.69 -0.52 -4.32
C ALA A 6 -1.34 -1.86 -4.69
N HIS A 7 -1.52 -2.08 -5.99
CA HIS A 7 -2.02 -3.33 -6.54
C HIS A 7 -0.93 -4.43 -6.57
N PRO A 8 0.21 -4.27 -7.27
CA PRO A 8 1.17 -5.34 -7.44
C PRO A 8 2.02 -5.59 -6.19
N LYS A 9 2.36 -4.55 -5.43
CA LYS A 9 3.15 -4.63 -4.21
C LYS A 9 2.20 -4.60 -2.99
N ASN A 11 1.05 -4.14 1.16
CA ASN A 11 1.08 -3.04 2.13
C ASN A 11 2.47 -2.89 2.75
N SER A 12 2.78 -3.79 3.69
CA SER A 12 4.06 -3.80 4.40
C SER A 12 5.22 -3.99 3.42
N TRP A 14 6.22 -2.33 1.04
CA TRP A 14 6.96 -1.10 0.79
C TRP A 14 8.24 -0.94 1.64
N THR A 15 8.42 -1.66 2.74
CA THR A 15 9.59 -1.45 3.60
C THR A 15 10.87 -2.04 2.99
N ASP A 1 -3.59 3.64 8.71
CA ASP A 1 -3.50 4.54 7.53
C ASP A 1 -4.48 4.07 6.47
N TRP A 2 -5.16 5.01 5.78
CA TRP A 2 -6.17 4.70 4.76
C TRP A 2 -5.79 5.28 3.39
N GLU A 3 -4.48 5.47 3.17
CA GLU A 3 -3.92 5.93 1.91
C GLU A 3 -4.10 4.85 0.82
N TYR A 4 -3.90 5.25 -0.43
CA TYR A 4 -3.97 4.40 -1.61
C TYR A 4 -3.06 3.16 -1.46
N HIS A 5 -3.52 2.03 -1.98
CA HIS A 5 -2.83 0.76 -1.99
C HIS A 5 -2.33 0.47 -3.42
N ALA A 6 -1.14 -0.11 -3.55
CA ALA A 6 -0.60 -0.54 -4.83
C ALA A 6 -1.21 -1.89 -5.20
N HIS A 7 -1.28 -2.15 -6.51
CA HIS A 7 -1.68 -3.45 -7.05
C HIS A 7 -0.56 -4.49 -6.95
N PRO A 8 0.65 -4.29 -7.52
CA PRO A 8 1.67 -5.33 -7.57
C PRO A 8 2.39 -5.53 -6.21
N LYS A 9 2.68 -4.45 -5.47
CA LYS A 9 3.31 -4.53 -4.16
C LYS A 9 2.21 -4.55 -3.07
N ASN A 11 0.66 -4.11 0.94
CA ASN A 11 0.56 -2.99 1.87
C ASN A 11 1.89 -2.75 2.60
N SER A 12 2.18 -3.60 3.58
CA SER A 12 3.40 -3.54 4.38
C SER A 12 4.64 -3.71 3.50
N TRP A 14 5.73 -2.07 1.16
CA TRP A 14 6.46 -0.82 0.92
C TRP A 14 7.67 -0.61 1.84
N THR A 15 7.78 -1.30 2.98
CA THR A 15 8.86 -1.01 3.94
C THR A 15 10.21 -1.59 3.45
N ASP A 1 -6.34 5.18 9.15
CA ASP A 1 -5.63 5.67 7.95
C ASP A 1 -6.26 5.05 6.70
N TRP A 2 -6.56 5.87 5.69
CA TRP A 2 -7.20 5.44 4.44
C TRP A 2 -6.24 5.57 3.25
N GLU A 3 -4.94 5.50 3.51
CA GLU A 3 -3.88 5.73 2.54
C GLU A 3 -3.96 4.67 1.42
N TYR A 4 -3.59 5.08 0.20
CA TYR A 4 -3.71 4.25 -1.00
C TYR A 4 -2.88 2.96 -0.87
N HIS A 5 -3.40 1.88 -1.46
CA HIS A 5 -2.75 0.57 -1.56
C HIS A 5 -2.40 0.32 -3.03
N ALA A 6 -1.21 -0.24 -3.27
CA ALA A 6 -0.77 -0.62 -4.62
C ALA A 6 -1.38 -1.96 -4.99
N HIS A 7 -1.50 -2.21 -6.29
CA HIS A 7 -1.91 -3.50 -6.83
C HIS A 7 -0.76 -4.53 -6.79
N PRO A 8 0.42 -4.31 -7.41
CA PRO A 8 1.45 -5.34 -7.49
C PRO A 8 2.24 -5.51 -6.19
N LYS A 9 2.44 -4.43 -5.41
CA LYS A 9 3.18 -4.46 -4.16
C LYS A 9 2.18 -4.54 -2.99
N ASN A 11 0.94 -4.19 1.14
CA ASN A 11 0.89 -3.07 2.08
C ASN A 11 2.25 -2.84 2.74
N SER A 12 2.60 -3.70 3.70
CA SER A 12 3.86 -3.65 4.42
C SER A 12 5.05 -3.85 3.46
N TRP A 14 5.98 -2.15 1.05
CA TRP A 14 6.67 -0.89 0.81
C TRP A 14 7.87 -0.64 1.75
N THR A 15 7.95 -1.32 2.89
CA THR A 15 9.02 -1.12 3.86
C THR A 15 10.34 -1.65 3.27
N ASP A 1 -4.23 3.58 9.02
CA ASP A 1 -3.89 4.17 7.70
C ASP A 1 -4.98 3.84 6.69
N TRP A 2 -5.34 4.79 5.81
CA TRP A 2 -6.34 4.63 4.76
C TRP A 2 -5.87 5.19 3.41
N GLU A 3 -4.55 5.28 3.22
CA GLU A 3 -3.95 5.81 2.00
C GLU A 3 -4.06 4.77 0.87
N TYR A 4 -3.75 5.19 -0.36
CA TYR A 4 -3.77 4.33 -1.54
C TYR A 4 -2.85 3.13 -1.37
N HIS A 5 -3.28 1.99 -1.91
CA HIS A 5 -2.56 0.72 -1.93
C HIS A 5 -2.14 0.41 -3.36
N ALA A 6 -0.93 -0.14 -3.54
CA ALA A 6 -0.46 -0.59 -4.84
C ALA A 6 -1.12 -1.92 -5.19
N HIS A 7 -1.13 -2.24 -6.49
CA HIS A 7 -1.62 -3.51 -7.00
C HIS A 7 -0.56 -4.63 -6.87
N PRO A 8 0.65 -4.53 -7.46
CA PRO A 8 1.60 -5.65 -7.46
C PRO A 8 2.32 -5.83 -6.11
N LYS A 9 2.60 -4.74 -5.39
CA LYS A 9 3.26 -4.76 -4.09
C LYS A 9 2.20 -4.64 -2.98
N ASN A 11 0.71 -3.92 1.04
CA ASN A 11 0.68 -2.76 1.93
C ASN A 11 2.01 -2.58 2.66
N SER A 12 2.23 -3.40 3.68
CA SER A 12 3.45 -3.38 4.48
C SER A 12 4.69 -3.68 3.62
N TRP A 14 5.87 -2.18 1.19
CA TRP A 14 6.66 -0.98 0.94
C TRP A 14 7.83 -0.77 1.92
N THR A 15 7.83 -1.43 3.09
CA THR A 15 8.85 -1.20 4.11
C THR A 15 10.23 -1.76 3.68
N ASP A 1 -5.39 4.68 9.17
CA ASP A 1 -5.02 5.44 7.95
C ASP A 1 -5.62 4.76 6.72
N TRP A 2 -6.13 5.54 5.77
CA TRP A 2 -6.80 5.06 4.56
C TRP A 2 -5.97 5.37 3.30
N GLU A 3 -4.64 5.40 3.43
CA GLU A 3 -3.73 5.66 2.32
C GLU A 3 -3.91 4.62 1.21
N TYR A 4 -3.60 5.04 -0.01
CA TYR A 4 -3.67 4.21 -1.21
C TYR A 4 -2.80 2.96 -1.07
N HIS A 5 -3.29 1.86 -1.63
CA HIS A 5 -2.60 0.57 -1.70
C HIS A 5 -2.19 0.32 -3.16
N ALA A 6 -1.00 -0.23 -3.37
CA ALA A 6 -0.54 -0.62 -4.69
C ALA A 6 -1.21 -1.95 -5.06
N HIS A 7 -1.33 -2.19 -6.37
CA HIS A 7 -1.85 -3.45 -6.90
C HIS A 7 -0.80 -4.57 -6.85
N PRO A 8 0.40 -4.45 -7.46
CA PRO A 8 1.36 -5.56 -7.52
C PRO A 8 2.10 -5.77 -6.19
N LYS A 9 2.46 -4.69 -5.49
CA LYS A 9 3.16 -4.73 -4.21
C LYS A 9 2.15 -4.70 -3.06
N ASN A 11 0.82 -4.18 1.06
CA ASN A 11 0.81 -3.07 2.00
C ASN A 11 2.17 -2.92 2.68
N SER A 12 2.46 -3.81 3.64
CA SER A 12 3.70 -3.83 4.39
C SER A 12 4.91 -4.05 3.46
N TRP A 14 5.98 -2.38 1.12
CA TRP A 14 6.73 -1.14 0.92
C TRP A 14 7.97 -1.00 1.82
N THR A 15 8.05 -1.72 2.96
CA THR A 15 9.14 -1.51 3.93
C THR A 15 9.22 -2.72 4.87
N ASP A 1 -4.52 9.67 7.81
CA ASP A 1 -4.19 9.66 6.37
C ASP A 1 -4.52 8.29 5.80
N TRP A 2 -5.56 8.21 4.96
CA TRP A 2 -5.95 6.96 4.30
C TRP A 2 -5.10 6.81 3.03
N GLU A 3 -3.87 6.30 3.19
CA GLU A 3 -2.97 6.04 2.07
C GLU A 3 -3.45 4.75 1.40
N TYR A 4 -3.83 4.82 0.12
CA TYR A 4 -4.30 3.68 -0.65
C TYR A 4 -3.15 2.73 -0.98
N HIS A 5 -3.43 1.43 -0.93
CA HIS A 5 -2.47 0.38 -1.22
C HIS A 5 -2.08 0.39 -2.71
N ALA A 6 -0.82 0.04 -3.00
CA ALA A 6 -0.32 -0.07 -4.36
C ALA A 6 -0.87 -1.34 -5.00
N HIS A 7 -0.96 -1.34 -6.34
CA HIS A 7 -1.36 -2.50 -7.12
C HIS A 7 -0.23 -3.56 -7.19
N PRO A 8 0.99 -3.26 -7.70
CA PRO A 8 2.02 -4.27 -7.91
C PRO A 8 2.71 -4.69 -6.60
N LYS A 9 2.90 -3.74 -5.66
CA LYS A 9 3.54 -3.99 -4.37
C LYS A 9 2.46 -4.22 -3.29
N ASN A 11 0.79 -4.63 0.71
CA ASN A 11 0.62 -3.71 1.84
C ASN A 11 1.91 -3.58 2.66
N SER A 12 2.22 -4.59 3.46
CA SER A 12 3.41 -4.65 4.29
C SER A 12 4.68 -4.58 3.42
N TRP A 14 5.73 -2.45 1.49
CA TRP A 14 6.40 -1.15 1.60
C TRP A 14 7.64 -1.16 2.52
N THR A 15 7.85 -2.20 3.33
CA THR A 15 8.98 -2.29 4.26
C THR A 15 10.21 -2.81 3.49
N ASP A 1 -7.39 4.72 8.84
CA ASP A 1 -6.49 4.61 7.68
C ASP A 1 -7.25 4.92 6.39
N TRP A 2 -6.67 5.78 5.54
CA TRP A 2 -7.20 6.11 4.22
C TRP A 2 -6.10 6.19 3.15
N GLU A 3 -4.94 5.63 3.43
CA GLU A 3 -3.82 5.61 2.48
C GLU A 3 -4.15 4.64 1.33
N TYR A 4 -3.63 4.95 0.15
CA TYR A 4 -3.75 4.11 -1.03
C TYR A 4 -2.99 2.79 -0.85
N HIS A 5 -3.48 1.73 -1.47
CA HIS A 5 -2.83 0.43 -1.56
C HIS A 5 -2.47 0.17 -3.04
N ALA A 6 -1.26 -0.31 -3.28
CA ALA A 6 -0.81 -0.69 -4.62
C ALA A 6 -1.43 -2.04 -4.98
N HIS A 7 -1.48 -2.32 -6.29
CA HIS A 7 -1.89 -3.61 -6.82
C HIS A 7 -0.75 -4.65 -6.78
N PRO A 8 0.42 -4.44 -7.43
CA PRO A 8 1.45 -5.48 -7.50
C PRO A 8 2.24 -5.63 -6.20
N LYS A 9 2.48 -4.54 -5.46
CA LYS A 9 3.19 -4.56 -4.18
C LYS A 9 2.17 -4.63 -3.03
N ASN A 11 0.90 -4.29 1.10
CA ASN A 11 0.84 -3.19 2.05
C ASN A 11 2.21 -2.96 2.72
N SER A 12 2.54 -3.82 3.68
CA SER A 12 3.80 -3.76 4.41
C SER A 12 5.00 -3.95 3.47
N TRP A 14 5.93 -2.28 1.04
CA TRP A 14 6.61 -1.02 0.77
C TRP A 14 7.85 -0.77 1.65
N THR A 15 8.00 -1.43 2.80
CA THR A 15 9.08 -1.14 3.75
C THR A 15 9.28 -2.33 4.69
N ASP A 1 -7.01 7.76 8.73
CA ASP A 1 -6.12 8.08 7.58
C ASP A 1 -6.48 7.22 6.39
N TRP A 2 -6.78 7.83 5.23
CA TRP A 2 -7.01 7.11 3.99
C TRP A 2 -5.65 6.84 3.34
N GLU A 3 -4.91 5.87 3.90
CA GLU A 3 -3.63 5.44 3.35
C GLU A 3 -3.95 4.52 2.16
N TYR A 4 -3.47 4.90 0.97
CA TYR A 4 -3.66 4.14 -0.26
C TYR A 4 -2.83 2.85 -0.22
N HIS A 5 -3.32 1.81 -0.90
CA HIS A 5 -2.63 0.54 -1.09
C HIS A 5 -2.32 0.37 -2.58
N ALA A 6 -1.15 -0.18 -2.90
CA ALA A 6 -0.77 -0.50 -4.27
C ALA A 6 -1.42 -1.82 -4.67
N HIS A 7 -1.59 -2.01 -5.98
CA HIS A 7 -2.10 -3.25 -6.57
C HIS A 7 -1.00 -4.34 -6.62
N PRO A 8 0.15 -4.15 -7.32
CA PRO A 8 1.12 -5.22 -7.50
C PRO A 8 1.96 -5.49 -6.25
N LYS A 9 2.32 -4.44 -5.50
CA LYS A 9 3.10 -4.53 -4.26
C LYS A 9 2.14 -4.56 -3.05
N ASN A 11 1.04 -4.22 1.14
CA ASN A 11 1.04 -3.12 2.09
C ASN A 11 2.43 -2.94 2.72
N SER A 12 2.78 -3.86 3.61
CA SER A 12 4.07 -3.89 4.29
C SER A 12 5.22 -4.03 3.28
N TRP A 14 6.11 -2.23 0.97
CA TRP A 14 6.84 -0.97 0.82
C TRP A 14 8.10 -0.85 1.71
N THR A 15 8.35 -1.80 2.61
CA THR A 15 9.54 -1.82 3.48
C THR A 15 10.67 -2.52 2.71
N ASP A 1 -7.04 8.31 8.77
CA ASP A 1 -6.14 8.60 7.63
C ASP A 1 -6.31 7.50 6.57
N TRP A 2 -6.83 7.85 5.39
CA TRP A 2 -7.02 6.91 4.29
C TRP A 2 -5.69 6.75 3.55
N GLU A 3 -4.85 5.84 4.04
CA GLU A 3 -3.60 5.48 3.37
C GLU A 3 -3.96 4.63 2.16
N TYR A 4 -3.52 5.05 0.97
CA TYR A 4 -3.69 4.31 -0.27
C TYR A 4 -2.88 3.02 -0.24
N HIS A 5 -3.40 1.98 -0.88
CA HIS A 5 -2.76 0.68 -1.08
C HIS A 5 -2.44 0.51 -2.56
N ALA A 6 -1.25 0.00 -2.88
CA ALA A 6 -0.85 -0.30 -4.25
C ALA A 6 -1.51 -1.61 -4.68
N HIS A 7 -1.60 -1.80 -6.00
CA HIS A 7 -2.06 -3.04 -6.62
C HIS A 7 -0.94 -4.10 -6.67
N PRO A 8 0.22 -3.88 -7.33
CA PRO A 8 1.22 -4.93 -7.52
C PRO A 8 2.05 -5.19 -6.26
N LYS A 9 2.36 -4.15 -5.46
CA LYS A 9 3.11 -4.27 -4.22
C LYS A 9 2.13 -4.38 -3.05
N ASN A 11 1.02 -4.21 1.14
CA ASN A 11 1.01 -3.15 2.15
C ASN A 11 2.39 -2.96 2.76
N SER A 12 2.77 -3.86 3.67
CA SER A 12 4.06 -3.86 4.34
C SER A 12 5.21 -4.02 3.33
N TRP A 14 6.07 -2.23 0.97
CA TRP A 14 6.77 -0.97 0.76
C TRP A 14 8.03 -0.80 1.63
N THR A 15 8.18 -1.55 2.73
CA THR A 15 9.34 -1.44 3.61
C THR A 15 10.59 -1.94 2.87
N ASP A 1 -5.31 6.37 9.49
CA ASP A 1 -5.55 7.21 8.30
C ASP A 1 -5.52 6.34 7.06
N TRP A 2 -6.54 6.44 6.19
CA TRP A 2 -6.66 5.57 5.02
C TRP A 2 -5.74 6.07 3.91
N GLU A 3 -4.48 5.61 3.95
CA GLU A 3 -3.49 5.87 2.90
C GLU A 3 -3.82 4.98 1.70
N TYR A 4 -3.46 5.42 0.49
CA TYR A 4 -3.59 4.63 -0.73
C TYR A 4 -2.70 3.38 -0.66
N HIS A 5 -3.15 2.30 -1.29
CA HIS A 5 -2.43 1.05 -1.43
C HIS A 5 -2.11 0.82 -2.92
N ALA A 6 -0.92 0.29 -3.21
CA ALA A 6 -0.53 -0.08 -4.57
C ALA A 6 -1.23 -1.37 -4.98
N HIS A 7 -1.36 -1.57 -6.29
CA HIS A 7 -1.89 -2.80 -6.87
C HIS A 7 -0.85 -3.95 -6.84
N PRO A 8 0.34 -3.83 -7.47
CA PRO A 8 1.26 -4.95 -7.59
C PRO A 8 2.03 -5.24 -6.28
N LYS A 9 2.41 -4.20 -5.54
CA LYS A 9 3.09 -4.34 -4.25
C LYS A 9 2.06 -4.30 -3.12
N ASN A 11 0.71 -3.86 0.97
CA ASN A 11 0.78 -2.77 1.95
C ASN A 11 2.15 -2.69 2.63
N SER A 12 2.41 -3.59 3.56
CA SER A 12 3.66 -3.67 4.31
C SER A 12 4.83 -3.96 3.36
N TRP A 14 5.94 -2.37 0.96
CA TRP A 14 6.77 -1.19 0.72
C TRP A 14 7.99 -1.10 1.64
N THR A 15 8.03 -1.82 2.76
CA THR A 15 9.10 -1.72 3.75
C THR A 15 10.41 -2.27 3.16
N ASP A 1 -7.00 3.95 8.58
CA ASP A 1 -6.52 5.11 7.76
C ASP A 1 -7.07 5.02 6.33
N TRP A 2 -6.74 5.98 5.47
CA TRP A 2 -7.27 6.11 4.12
C TRP A 2 -6.19 6.13 3.03
N GLU A 3 -4.99 5.65 3.34
CA GLU A 3 -3.90 5.57 2.39
C GLU A 3 -4.23 4.55 1.30
N TYR A 4 -3.82 4.84 0.07
CA TYR A 4 -3.98 3.96 -1.08
C TYR A 4 -3.17 2.67 -0.90
N HIS A 5 -3.67 1.57 -1.46
CA HIS A 5 -3.00 0.28 -1.54
C HIS A 5 -2.61 0.04 -3.00
N ALA A 6 -1.38 -0.44 -3.24
CA ALA A 6 -0.91 -0.79 -4.57
C ALA A 6 -1.50 -2.14 -4.97
N HIS A 7 -1.54 -2.38 -6.29
CA HIS A 7 -1.93 -3.66 -6.86
C HIS A 7 -0.76 -4.67 -6.82
N PRO A 8 0.41 -4.41 -7.47
CA PRO A 8 1.48 -5.41 -7.56
C PRO A 8 2.27 -5.56 -6.25
N LYS A 9 2.50 -4.46 -5.51
CA LYS A 9 3.22 -4.49 -4.24
C LYS A 9 2.21 -4.62 -3.09
N ASN A 11 0.96 -4.36 1.06
CA ASN A 11 0.87 -3.25 2.01
C ASN A 11 2.21 -2.97 2.68
N SER A 12 2.59 -3.85 3.61
CA SER A 12 3.83 -3.74 4.36
C SER A 12 5.04 -3.84 3.41
N TRP A 14 5.88 -2.10 1.00
CA TRP A 14 6.53 -0.81 0.77
C TRP A 14 7.74 -0.53 1.68
N THR A 15 8.00 -1.35 2.70
CA THR A 15 9.12 -1.16 3.63
C THR A 15 10.37 -1.83 3.01
N ASP A 1 -5.64 6.72 9.70
CA ASP A 1 -6.23 7.34 8.49
C ASP A 1 -6.11 6.38 7.30
N TRP A 2 -6.87 6.65 6.23
CA TRP A 2 -6.85 5.85 5.02
C TRP A 2 -5.66 6.29 4.17
N GLU A 3 -4.65 5.42 4.13
CA GLU A 3 -3.51 5.52 3.24
C GLU A 3 -3.77 4.62 2.02
N TYR A 4 -3.39 5.09 0.84
CA TYR A 4 -3.46 4.33 -0.41
C TYR A 4 -2.57 3.08 -0.33
N HIS A 5 -2.90 2.06 -1.14
CA HIS A 5 -2.17 0.80 -1.25
C HIS A 5 -1.73 0.58 -2.70
N ALA A 6 -0.59 -0.08 -2.90
CA ALA A 6 -0.09 -0.43 -4.22
C ALA A 6 -0.99 -1.47 -4.87
N HIS A 7 -1.01 -1.47 -6.21
CA HIS A 7 -1.68 -2.49 -7.00
C HIS A 7 -0.84 -3.79 -7.10
N PRO A 8 0.41 -3.78 -7.60
CA PRO A 8 1.15 -5.02 -7.85
C PRO A 8 1.72 -5.63 -6.56
N LYS A 9 2.13 -4.81 -5.58
CA LYS A 9 2.60 -5.23 -4.28
C LYS A 9 1.49 -5.08 -3.22
N ASN A 11 0.35 -3.74 0.77
CA ASN A 11 0.41 -2.47 1.51
C ASN A 11 1.80 -2.25 2.13
N SER A 12 2.07 -2.93 3.24
CA SER A 12 3.32 -2.87 3.98
C SER A 12 4.50 -3.30 3.10
N TRP A 14 5.69 -2.14 0.54
CA TRP A 14 6.56 -1.02 0.18
C TRP A 14 7.87 -0.96 1.00
N THR A 15 7.90 -1.56 2.19
CA THR A 15 9.02 -1.42 3.12
C THR A 15 10.25 -2.19 2.59
N ASP A 1 -7.24 4.91 8.78
CA ASP A 1 -6.28 5.10 7.66
C ASP A 1 -7.04 5.11 6.34
N TRP A 2 -6.62 5.95 5.38
CA TRP A 2 -7.25 6.08 4.07
C TRP A 2 -6.23 6.17 2.93
N GLU A 3 -5.00 5.72 3.19
CA GLU A 3 -3.92 5.71 2.23
C GLU A 3 -4.21 4.68 1.15
N TYR A 4 -3.77 4.97 -0.07
CA TYR A 4 -3.87 4.08 -1.23
C TYR A 4 -3.07 2.79 -1.00
N HIS A 5 -3.53 1.69 -1.59
CA HIS A 5 -2.84 0.41 -1.64
C HIS A 5 -2.46 0.12 -3.09
N ALA A 6 -1.24 -0.37 -3.33
CA ALA A 6 -0.78 -0.75 -4.65
C ALA A 6 -1.36 -2.13 -4.99
N HIS A 7 -1.48 -2.40 -6.28
CA HIS A 7 -1.88 -3.71 -6.80
C HIS A 7 -0.73 -4.73 -6.74
N PRO A 8 0.44 -4.52 -7.40
CA PRO A 8 1.48 -5.54 -7.48
C PRO A 8 2.29 -5.68 -6.17
N LYS A 9 2.51 -4.58 -5.44
CA LYS A 9 3.25 -4.58 -4.18
C LYS A 9 2.25 -4.61 -3.01
N ASN A 11 0.95 -4.19 1.10
CA ASN A 11 0.87 -3.06 2.02
C ASN A 11 2.21 -2.79 2.70
N SER A 12 2.57 -3.63 3.65
CA SER A 12 3.81 -3.58 4.38
C SER A 12 5.01 -3.72 3.43
N TRP A 14 5.94 -2.03 1.05
CA TRP A 14 6.64 -0.76 0.82
C TRP A 14 7.85 -0.54 1.74
N THR A 15 8.00 -1.30 2.82
CA THR A 15 9.08 -1.12 3.80
C THR A 15 10.42 -1.58 3.19
N ASP A 1 -1.70 6.16 7.66
CA ASP A 1 -2.64 6.97 6.85
C ASP A 1 -3.51 6.06 5.98
N TRP A 2 -4.69 6.53 5.57
CA TRP A 2 -5.69 5.75 4.83
C TRP A 2 -5.39 5.65 3.33
N GLU A 3 -4.12 5.73 2.95
CA GLU A 3 -3.68 5.76 1.56
C GLU A 3 -4.00 4.43 0.90
N TYR A 4 -4.48 4.47 -0.35
CA TYR A 4 -4.85 3.29 -1.12
C TYR A 4 -3.62 2.41 -1.39
N HIS A 5 -3.81 1.10 -1.32
CA HIS A 5 -2.78 0.11 -1.55
C HIS A 5 -2.34 0.11 -3.02
N ALA A 6 -1.05 -0.13 -3.26
CA ALA A 6 -0.49 -0.23 -4.60
C ALA A 6 -0.94 -1.55 -5.23
N HIS A 7 -0.95 -1.59 -6.55
CA HIS A 7 -1.22 -2.81 -7.32
C HIS A 7 0.00 -3.77 -7.31
N PRO A 8 1.21 -3.37 -7.76
CA PRO A 8 2.34 -4.29 -7.88
C PRO A 8 3.00 -4.60 -6.53
N LYS A 9 3.01 -3.66 -5.58
CA LYS A 9 3.60 -3.84 -4.26
C LYS A 9 2.50 -4.18 -3.25
N ASN A 11 0.73 -4.71 0.68
CA ASN A 11 0.44 -3.79 1.79
C ASN A 11 1.68 -3.51 2.63
N SER A 12 2.06 -4.47 3.48
CA SER A 12 3.22 -4.38 4.34
C SER A 12 4.51 -4.24 3.51
N TRP A 14 5.42 -2.06 1.58
CA TRP A 14 5.98 -0.72 1.68
C TRP A 14 7.20 -0.61 2.62
N THR A 15 7.47 -1.62 3.45
CA THR A 15 8.57 -1.60 4.42
C THR A 15 9.87 -2.00 3.70
N ASP A 1 -6.04 6.33 9.19
CA ASP A 1 -5.68 7.14 7.99
C ASP A 1 -5.94 6.33 6.74
N TRP A 2 -6.69 6.88 5.77
CA TRP A 2 -7.02 6.20 4.53
C TRP A 2 -5.87 6.39 3.52
N GLU A 3 -4.72 5.77 3.81
CA GLU A 3 -3.61 5.71 2.87
C GLU A 3 -3.96 4.73 1.75
N TYR A 4 -3.63 5.12 0.52
CA TYR A 4 -3.77 4.29 -0.67
C TYR A 4 -2.76 3.14 -0.64
N HIS A 5 -3.16 2.00 -1.22
CA HIS A 5 -2.32 0.81 -1.41
C HIS A 5 -2.06 0.63 -2.91
N ALA A 6 -0.84 0.19 -3.27
CA ALA A 6 -0.49 -0.14 -4.64
C ALA A 6 -1.17 -1.45 -5.04
N HIS A 7 -1.28 -1.67 -6.34
CA HIS A 7 -1.81 -2.91 -6.92
C HIS A 7 -0.77 -4.04 -6.89
N PRO A 8 0.42 -3.93 -7.53
CA PRO A 8 1.35 -5.05 -7.65
C PRO A 8 2.11 -5.34 -6.35
N LYS A 9 2.48 -4.31 -5.58
CA LYS A 9 3.17 -4.45 -4.30
C LYS A 9 2.14 -4.36 -3.16
N ASN A 11 0.80 -3.83 0.93
CA ASN A 11 0.84 -2.74 1.89
C ASN A 11 2.22 -2.63 2.56
N SER A 12 2.48 -3.52 3.51
CA SER A 12 3.74 -3.58 4.24
C SER A 12 4.91 -3.87 3.29
N TRP A 14 6.02 -2.26 0.92
CA TRP A 14 6.85 -1.07 0.72
C TRP A 14 8.09 -1.00 1.64
N THR A 15 8.18 -1.81 2.69
CA THR A 15 9.29 -1.80 3.63
C THR A 15 10.57 -2.27 2.89
N ASP A 1 -6.55 5.07 9.03
CA ASP A 1 -5.53 5.01 7.95
C ASP A 1 -6.21 4.57 6.65
N TRP A 2 -6.36 5.49 5.69
CA TRP A 2 -7.07 5.25 4.43
C TRP A 2 -6.17 5.50 3.20
N GLU A 3 -4.86 5.41 3.40
CA GLU A 3 -3.86 5.60 2.36
C GLU A 3 -4.05 4.52 1.27
N TYR A 4 -3.83 4.93 0.02
CA TYR A 4 -3.91 4.07 -1.14
C TYR A 4 -2.85 2.96 -1.06
N HIS A 5 -3.20 1.78 -1.57
CA HIS A 5 -2.33 0.61 -1.69
C HIS A 5 -2.03 0.37 -3.17
N ALA A 6 -0.82 -0.08 -3.49
CA ALA A 6 -0.45 -0.46 -4.83
C ALA A 6 -1.09 -1.81 -5.17
N HIS A 7 -1.25 -2.09 -6.47
CA HIS A 7 -1.75 -3.36 -6.97
C HIS A 7 -0.69 -4.47 -6.87
N PRO A 8 0.51 -4.36 -7.49
CA PRO A 8 1.47 -5.46 -7.52
C PRO A 8 2.22 -5.63 -6.20
N LYS A 9 2.55 -4.54 -5.50
CA LYS A 9 3.23 -4.57 -4.21
C LYS A 9 2.20 -4.47 -3.09
N ASN A 11 0.79 -3.84 0.97
CA ASN A 11 0.79 -2.70 1.87
C ASN A 11 2.14 -2.55 2.58
N SER A 12 2.39 -3.41 3.57
CA SER A 12 3.62 -3.43 4.35
C SER A 12 4.83 -3.70 3.43
N TRP A 14 5.99 -2.19 1.05
CA TRP A 14 6.81 -1.02 0.76
C TRP A 14 8.07 -0.88 1.65
N THR A 15 8.18 -1.58 2.79
CA THR A 15 9.34 -1.41 3.67
C THR A 15 10.57 -2.16 3.14
N ASP A 1 -6.08 3.04 8.10
CA ASP A 1 -6.21 4.43 7.62
C ASP A 1 -6.51 4.46 6.12
N TRP A 2 -7.09 5.53 5.59
CA TRP A 2 -7.60 5.63 4.21
C TRP A 2 -6.52 5.76 3.13
N GLU A 3 -5.29 5.38 3.45
CA GLU A 3 -4.14 5.46 2.56
C GLU A 3 -4.30 4.42 1.45
N TYR A 4 -3.99 4.83 0.21
CA TYR A 4 -4.07 3.97 -0.96
C TYR A 4 -3.02 2.85 -0.89
N HIS A 5 -3.36 1.69 -1.45
CA HIS A 5 -2.48 0.53 -1.59
C HIS A 5 -2.18 0.30 -3.07
N ALA A 6 -0.96 -0.13 -3.40
CA ALA A 6 -0.58 -0.49 -4.75
C ALA A 6 -1.17 -1.85 -5.11
N HIS A 7 -1.31 -2.10 -6.41
CA HIS A 7 -1.77 -3.38 -6.94
C HIS A 7 -0.67 -4.46 -6.87
N PRO A 8 0.52 -4.30 -7.51
CA PRO A 8 1.50 -5.37 -7.58
C PRO A 8 2.28 -5.56 -6.28
N LYS A 9 2.58 -4.47 -5.54
CA LYS A 9 3.27 -4.52 -4.26
C LYS A 9 2.24 -4.46 -3.12
N ASN A 11 0.82 -3.95 0.95
CA ASN A 11 0.79 -2.83 1.90
C ASN A 11 2.14 -2.62 2.58
N SER A 12 2.44 -3.48 3.56
CA SER A 12 3.68 -3.46 4.31
C SER A 12 4.88 -3.71 3.38
N TRP A 14 5.94 -2.11 0.99
CA TRP A 14 6.72 -0.89 0.75
C TRP A 14 7.95 -0.73 1.68
N THR A 15 8.06 -1.51 2.76
CA THR A 15 9.17 -1.43 3.71
C THR A 15 10.47 -1.83 2.99
#